data_4H01
#
_entry.id   4H01
#
_cell.length_a   160.478
_cell.length_b   160.478
_cell.length_c   93.296
_cell.angle_alpha   90.00
_cell.angle_beta   90.00
_cell.angle_gamma   90.00
#
_symmetry.space_group_name_H-M   'I 41 2 2'
#
loop_
_entity.id
_entity.type
_entity.pdbx_description
1 polymer dihydropyrimidinase
2 non-polymer 'ZINC ION'
3 water water
#
_entity_poly.entity_id   1
_entity_poly.type   'polypeptide(L)'
_entity_poly.pdbx_seq_one_letter_code
;GSAGSGTIDDDDKSPGARGSMAEAGEILIKGGKVVNEDCSFFSDVHIRGGKIVEVGPDLRVPPGARVIDATDRLVIPGGI
DTHTHMELAFMGTRAVDDFHIGTKAALAGGTTMILDFVMTQKGQSLLEAYDLWRKTADPKVCCDYSLHVAVTWWSDEVKD
EMRTLAQERGVNSF(KCX)MFMAYKGLFMLRDDELYAVFSHCKEVGAIAQVHAENGDLIAEGAKKMLSLGITGPEGHELC
RPEAVEAEATQRAITIASAVNCPLYVVHVMSKSAADVVSKARKDGRVVFGEPIAASLGTDGTNYWHKDWAHAAQYVMGPP
LRPDPSTPGYLMDLLANDDLTLTGTDNCTFSRCQKALGKDDFTRIPNGVNGVEDRMSVIWEKGVHSGKMDENRFVAVTSS
NAAKIFNFYPQKGRIAKDSDADVVIWDPKTTRKISAQTHHQAVDYNIFEGMECHGVPVVTVSRGRVVYEEGRLKVSPGQG
RFIHRQPFSEFVYKRIRQRDEVGKPAVVIREPYAGEVVALGTSD
;
_entity_poly.pdbx_strand_id   A
#
# COMPACT_ATOMS: atom_id res chain seq x y z
N ALA A 24 -2.62 21.85 -14.83
CA ALA A 24 -2.97 23.00 -15.75
C ALA A 24 -3.45 24.16 -14.88
N GLY A 25 -3.06 25.39 -15.21
CA GLY A 25 -3.41 26.54 -14.39
C GLY A 25 -2.43 26.75 -13.21
N GLU A 26 -2.68 27.82 -12.45
CA GLU A 26 -1.72 28.30 -11.46
C GLU A 26 -2.36 28.33 -10.09
N ILE A 27 -1.66 27.86 -9.05
CA ILE A 27 -2.25 27.80 -7.69
C ILE A 27 -1.17 28.25 -6.76
N LEU A 28 -1.54 29.10 -5.83
CA LEU A 28 -0.66 29.46 -4.72
C LEU A 28 -1.32 28.97 -3.44
N ILE A 29 -0.64 28.06 -2.73
CA ILE A 29 -1.11 27.60 -1.44
C ILE A 29 -0.38 28.49 -0.42
N LYS A 30 -1.15 29.32 0.28
CA LYS A 30 -0.60 30.35 1.07
C LYS A 30 -0.97 30.23 2.58
N GLY A 31 0.03 30.50 3.40
CA GLY A 31 -0.18 30.66 4.86
C GLY A 31 -0.02 29.34 5.59
N GLY A 32 0.20 28.21 4.87
CA GLY A 32 0.33 26.94 5.62
C GLY A 32 1.73 26.59 6.10
N LYS A 33 1.82 25.46 6.80
CA LYS A 33 3.12 24.95 7.24
C LYS A 33 3.37 23.70 6.36
N VAL A 34 4.45 23.74 5.61
CA VAL A 34 4.85 22.61 4.75
C VAL A 34 5.46 21.53 5.67
N VAL A 35 5.06 20.31 5.45
CA VAL A 35 5.56 19.16 6.24
C VAL A 35 6.11 18.15 5.24
N ASN A 36 7.45 18.01 5.26
CA ASN A 36 8.12 16.98 4.49
C ASN A 36 8.61 15.92 5.47
N GLU A 37 9.21 14.87 4.95
CA GLU A 37 9.70 13.78 5.84
C GLU A 37 10.81 14.25 6.76
N ASP A 38 11.59 15.25 6.35
CA ASP A 38 12.72 15.66 7.14
C ASP A 38 12.40 16.81 8.13
N CYS A 39 11.60 17.77 7.70
CA CYS A 39 11.19 18.85 8.63
C CYS A 39 9.98 19.62 8.17
N SER A 40 9.47 20.46 9.08
CA SER A 40 8.26 21.24 8.80
C SER A 40 8.68 22.70 8.82
N PHE A 41 8.03 23.55 8.04
CA PHE A 41 8.45 24.96 8.01
C PHE A 41 7.30 25.69 7.31
N PHE A 42 7.11 26.93 7.75
CA PHE A 42 6.13 27.82 7.12
C PHE A 42 6.62 28.29 5.78
N SER A 43 5.80 28.16 4.74
CA SER A 43 6.19 28.68 3.43
C SER A 43 4.96 28.54 2.56
N ASP A 44 4.90 29.37 1.52
CA ASP A 44 3.86 29.21 0.51
C ASP A 44 4.37 28.22 -0.53
N VAL A 45 3.44 27.68 -1.28
CA VAL A 45 3.79 26.76 -2.36
C VAL A 45 3.11 27.24 -3.68
N HIS A 46 3.91 27.49 -4.69
CA HIS A 46 3.44 27.96 -5.97
C HIS A 46 3.44 26.75 -6.92
N ILE A 47 2.27 26.48 -7.44
CA ILE A 47 2.03 25.39 -8.37
C ILE A 47 1.74 25.98 -9.75
N ARG A 48 2.45 25.49 -10.77
CA ARG A 48 2.14 25.90 -12.15
C ARG A 48 2.31 24.68 -13.02
N GLY A 49 1.34 24.44 -13.89
CA GLY A 49 1.48 23.40 -14.88
C GLY A 49 1.78 22.02 -14.31
N GLY A 50 1.02 21.63 -13.29
CA GLY A 50 1.21 20.29 -12.72
C GLY A 50 2.41 20.08 -11.78
N LYS A 51 3.21 21.12 -11.56
CA LYS A 51 4.45 21.00 -10.81
C LYS A 51 4.47 22.05 -9.73
N ILE A 52 5.18 21.76 -8.63
CA ILE A 52 5.57 22.75 -7.67
C ILE A 52 6.73 23.53 -8.24
N VAL A 53 6.53 24.86 -8.44
CA VAL A 53 7.60 25.62 -9.08
C VAL A 53 8.32 26.53 -8.12
N GLU A 54 7.76 26.72 -6.94
CA GLU A 54 8.47 27.48 -5.93
C GLU A 54 7.91 27.17 -4.57
N VAL A 55 8.81 27.13 -3.58
CA VAL A 55 8.41 27.00 -2.14
C VAL A 55 9.20 28.04 -1.39
N GLY A 56 8.48 28.91 -0.65
CA GLY A 56 9.18 29.96 0.09
C GLY A 56 8.15 30.83 0.77
N PRO A 57 8.61 31.68 1.71
CA PRO A 57 7.69 32.55 2.42
C PRO A 57 7.15 33.68 1.54
N ASP A 58 5.95 34.11 1.86
CA ASP A 58 5.29 35.28 1.25
C ASP A 58 5.45 35.38 -0.26
N LEU A 59 4.93 34.41 -0.97
CA LEU A 59 5.11 34.39 -2.40
C LEU A 59 4.04 35.27 -3.02
N ARG A 60 4.41 35.93 -4.10
CA ARG A 60 3.50 36.78 -4.86
C ARG A 60 2.42 35.95 -5.53
N VAL A 61 1.19 36.46 -5.58
CA VAL A 61 0.16 35.74 -6.28
C VAL A 61 0.15 36.24 -7.74
N PRO A 62 0.57 35.39 -8.69
CA PRO A 62 0.54 35.89 -10.09
C PRO A 62 -0.94 36.17 -10.51
N PRO A 63 -1.17 37.23 -11.31
CA PRO A 63 -2.47 37.43 -11.88
C PRO A 63 -3.12 36.16 -12.38
N GLY A 64 -4.36 35.89 -11.94
CA GLY A 64 -5.07 34.72 -12.48
C GLY A 64 -4.89 33.48 -11.63
N ALA A 65 -3.91 33.45 -10.72
CA ALA A 65 -3.62 32.21 -9.95
C ALA A 65 -4.68 32.07 -8.89
N ARG A 66 -5.12 30.86 -8.64
CA ARG A 66 -6.03 30.66 -7.52
C ARG A 66 -5.29 30.50 -6.17
N VAL A 67 -5.71 31.22 -5.13
CA VAL A 67 -5.04 31.06 -3.83
C VAL A 67 -5.82 30.04 -2.99
N ILE A 68 -5.15 29.00 -2.50
CA ILE A 68 -5.75 28.14 -1.45
C ILE A 68 -5.17 28.63 -0.13
N ASP A 69 -6.05 29.05 0.75
CA ASP A 69 -5.65 29.57 2.06
C ASP A 69 -5.39 28.39 2.97
N ALA A 70 -4.10 28.16 3.25
CA ALA A 70 -3.70 27.03 4.09
C ALA A 70 -3.37 27.53 5.51
N THR A 71 -3.82 28.75 5.86
CA THR A 71 -3.68 29.17 7.29
C THR A 71 -4.20 28.13 8.23
N ASP A 72 -3.38 27.79 9.21
CA ASP A 72 -3.76 26.79 10.25
C ASP A 72 -3.88 25.39 9.70
N ARG A 73 -3.20 25.15 8.58
CA ARG A 73 -3.23 23.82 7.98
C ARG A 73 -1.81 23.40 7.71
N LEU A 74 -1.62 22.10 7.51
CA LEU A 74 -0.35 21.55 7.10
C LEU A 74 -0.44 21.34 5.59
N VAL A 75 0.68 21.55 4.92
CA VAL A 75 0.71 21.35 3.46
C VAL A 75 1.65 20.14 3.25
N ILE A 76 1.07 19.03 2.84
CA ILE A 76 1.83 17.79 2.86
C ILE A 76 1.77 17.16 1.47
N PRO A 77 2.74 16.29 1.16
CA PRO A 77 2.65 15.53 -0.08
C PRO A 77 1.38 14.69 -0.02
N GLY A 78 0.70 14.54 -1.19
CA GLY A 78 -0.51 13.70 -1.20
C GLY A 78 -0.08 12.27 -0.78
N GLY A 79 -1.01 11.53 -0.17
CA GLY A 79 -0.75 10.14 0.24
C GLY A 79 -0.48 9.26 -0.96
N ILE A 80 0.43 8.29 -0.80
CA ILE A 80 0.69 7.27 -1.85
C ILE A 80 0.33 5.94 -1.28
N ASP A 81 -0.71 5.34 -1.86
CA ASP A 81 -1.20 4.08 -1.32
C ASP A 81 -0.49 2.99 -2.10
N THR A 82 0.41 2.26 -1.40
CA THR A 82 1.28 1.33 -2.08
C THR A 82 0.54 0.02 -2.46
N HIS A 83 -0.75 -0.13 -2.14
CA HIS A 83 -1.33 -1.48 -2.11
C HIS A 83 -2.83 -1.48 -2.33
N THR A 84 -3.25 -1.54 -3.60
CA THR A 84 -4.66 -1.52 -3.93
C THR A 84 -4.98 -2.61 -4.93
N HIS A 85 -6.25 -3.01 -4.99
CA HIS A 85 -6.72 -4.00 -5.92
C HIS A 85 -8.08 -3.48 -6.50
N MET A 86 -8.03 -2.37 -7.23
CA MET A 86 -9.28 -1.75 -7.70
C MET A 86 -9.94 -2.74 -8.72
N GLU A 87 -11.22 -2.91 -8.61
CA GLU A 87 -11.99 -3.81 -9.54
C GLU A 87 -11.30 -5.11 -9.90
N LEU A 88 -10.71 -5.74 -8.88
CA LEU A 88 -10.03 -7.01 -9.05
C LEU A 88 -11.10 -8.10 -9.09
N ALA A 89 -11.05 -8.92 -10.13
CA ALA A 89 -11.85 -10.17 -10.22
C ALA A 89 -11.15 -11.23 -9.36
N PHE A 90 -11.82 -11.65 -8.32
CA PHE A 90 -11.17 -12.49 -7.28
C PHE A 90 -12.28 -13.27 -6.57
N MET A 91 -11.98 -14.52 -6.21
CA MET A 91 -12.90 -15.39 -5.53
C MET A 91 -14.35 -15.33 -6.08
N GLY A 92 -14.49 -15.45 -7.41
CA GLY A 92 -15.80 -15.65 -8.02
C GLY A 92 -16.57 -14.34 -8.29
N THR A 93 -15.99 -13.17 -7.94
CA THR A 93 -16.71 -11.90 -8.11
C THR A 93 -15.69 -10.76 -8.35
N ARG A 94 -16.14 -9.50 -8.37
CA ARG A 94 -15.25 -8.39 -8.70
C ARG A 94 -15.34 -7.26 -7.68
N ALA A 95 -14.18 -6.83 -7.19
CA ALA A 95 -14.17 -5.75 -6.18
C ALA A 95 -15.02 -4.59 -6.63
N VAL A 96 -15.80 -4.01 -5.73
CA VAL A 96 -16.78 -2.97 -6.09
C VAL A 96 -16.17 -1.61 -6.23
N ASP A 97 -15.07 -1.33 -5.51
CA ASP A 97 -14.36 -0.08 -5.78
C ASP A 97 -13.50 -0.27 -7.01
N ASP A 98 -13.84 0.44 -8.10
CA ASP A 98 -13.11 0.29 -9.37
C ASP A 98 -12.06 1.39 -9.50
N PHE A 99 -11.38 1.46 -10.66
CA PHE A 99 -10.30 2.45 -10.80
C PHE A 99 -10.79 3.87 -10.74
N HIS A 100 -12.05 4.04 -11.13
CA HIS A 100 -12.68 5.36 -11.15
C HIS A 100 -13.13 5.80 -9.75
N ILE A 101 -14.02 5.04 -9.14
CA ILE A 101 -14.58 5.34 -7.82
C ILE A 101 -13.49 5.24 -6.74
N GLY A 102 -12.63 4.22 -6.91
CA GLY A 102 -11.52 4.00 -5.97
C GLY A 102 -10.56 5.17 -5.93
N THR A 103 -10.21 5.76 -7.06
CA THR A 103 -9.28 6.86 -7.06
C THR A 103 -9.93 8.17 -6.62
N LYS A 104 -11.24 8.35 -6.94
CA LYS A 104 -12.02 9.46 -6.38
C LYS A 104 -12.03 9.39 -4.84
N ALA A 105 -12.29 8.20 -4.32
CA ALA A 105 -12.31 8.01 -2.85
C ALA A 105 -10.94 8.24 -2.23
N ALA A 106 -9.90 7.75 -2.91
CA ALA A 106 -8.52 8.10 -2.49
C ALA A 106 -8.32 9.59 -2.36
N LEU A 107 -8.75 10.34 -3.39
CA LEU A 107 -8.52 11.78 -3.37
C LEU A 107 -9.26 12.46 -2.23
N ALA A 108 -10.52 12.07 -2.04
CA ALA A 108 -11.35 12.62 -0.97
C ALA A 108 -10.69 12.34 0.40
N GLY A 109 -9.82 11.32 0.46
CA GLY A 109 -9.16 10.94 1.72
C GLY A 109 -7.72 11.45 1.85
N GLY A 110 -7.33 12.31 0.94
CA GLY A 110 -5.96 12.91 0.91
C GLY A 110 -4.89 11.95 0.31
N THR A 111 -5.32 10.97 -0.47
CA THR A 111 -4.39 10.10 -1.19
C THR A 111 -4.40 10.42 -2.72
N THR A 112 -3.23 10.70 -3.28
CA THR A 112 -3.09 11.23 -4.63
C THR A 112 -2.45 10.25 -5.60
N MET A 113 -2.03 9.10 -5.08
CA MET A 113 -1.51 8.04 -5.98
C MET A 113 -1.82 6.68 -5.38
N ILE A 114 -2.17 5.71 -6.24
CA ILE A 114 -2.32 4.37 -5.77
C ILE A 114 -1.36 3.49 -6.60
N LEU A 115 -0.92 2.39 -6.02
CA LEU A 115 -0.14 1.43 -6.73
C LEU A 115 -0.90 0.06 -6.62
N ASP A 116 -1.30 -0.43 -7.78
CA ASP A 116 -2.25 -1.48 -7.86
C ASP A 116 -1.54 -2.72 -8.42
N PHE A 117 -2.04 -3.92 -8.08
CA PHE A 117 -1.39 -5.17 -8.43
C PHE A 117 -2.04 -5.75 -9.68
N VAL A 118 -1.22 -5.96 -10.68
CA VAL A 118 -1.60 -6.70 -11.87
C VAL A 118 -1.62 -8.17 -11.44
N MET A 119 -2.81 -8.71 -11.19
CA MET A 119 -2.90 -10.08 -10.65
C MET A 119 -2.88 -11.13 -11.79
N THR A 120 -1.71 -11.32 -12.37
CA THR A 120 -1.43 -12.30 -13.38
C THR A 120 -1.97 -13.66 -12.95
N GLN A 121 -2.74 -14.28 -13.85
CA GLN A 121 -3.17 -15.66 -13.61
C GLN A 121 -2.08 -16.61 -13.91
N LYS A 122 -2.11 -17.74 -13.21
CA LYS A 122 -1.17 -18.79 -13.44
C LYS A 122 -1.15 -19.18 -14.92
N GLY A 123 0.03 -19.26 -15.53
CA GLY A 123 0.16 -19.60 -16.98
C GLY A 123 -0.19 -18.44 -17.92
N GLN A 124 -0.58 -17.28 -17.40
CA GLN A 124 -0.97 -16.15 -18.25
C GLN A 124 0.25 -15.23 -18.46
N SER A 125 0.39 -14.68 -19.67
CA SER A 125 1.48 -13.73 -19.97
C SER A 125 1.44 -12.55 -18.99
N LEU A 126 2.60 -12.22 -18.43
CA LEU A 126 2.65 -11.04 -17.53
C LEU A 126 2.41 -9.76 -18.35
N LEU A 127 2.87 -9.73 -19.59
CA LEU A 127 2.65 -8.59 -20.44
C LEU A 127 1.20 -8.37 -20.82
N GLU A 128 0.48 -9.46 -21.07
CA GLU A 128 -0.98 -9.38 -21.29
C GLU A 128 -1.70 -8.90 -20.12
N ALA A 129 -1.34 -9.38 -18.93
CA ALA A 129 -2.07 -8.96 -17.75
C ALA A 129 -1.73 -7.45 -17.53
N TYR A 130 -0.44 -7.10 -17.64
CA TYR A 130 -0.06 -5.68 -17.53
C TYR A 130 -0.88 -4.83 -18.53
N ASP A 131 -0.93 -5.27 -19.78
CA ASP A 131 -1.69 -4.48 -20.80
C ASP A 131 -3.17 -4.37 -20.41
N LEU A 132 -3.72 -5.46 -19.90
CA LEU A 132 -5.12 -5.47 -19.52
C LEU A 132 -5.36 -4.41 -18.38
N TRP A 133 -4.46 -4.39 -17.38
CA TRP A 133 -4.60 -3.41 -16.29
C TRP A 133 -4.48 -2.00 -16.81
N ARG A 134 -3.47 -1.73 -17.63
CA ARG A 134 -3.28 -0.35 -18.18
C ARG A 134 -4.58 0.10 -18.95
N LYS A 135 -5.08 -0.80 -19.80
CA LYS A 135 -6.32 -0.42 -20.60
C LYS A 135 -7.52 -0.18 -19.71
N THR A 136 -7.60 -0.89 -18.58
CA THR A 136 -8.72 -0.76 -17.68
C THR A 136 -8.53 0.51 -16.88
N ALA A 137 -7.32 0.72 -16.33
CA ALA A 137 -7.11 1.88 -15.46
C ALA A 137 -6.88 3.20 -16.15
N ASP A 138 -6.13 3.21 -17.25
CA ASP A 138 -5.78 4.48 -17.91
C ASP A 138 -6.96 5.43 -18.15
N PRO A 139 -8.11 4.94 -18.63
CA PRO A 139 -9.23 5.90 -18.92
C PRO A 139 -10.12 6.18 -17.69
N LYS A 140 -9.90 5.47 -16.58
CA LYS A 140 -10.68 5.60 -15.40
C LYS A 140 -10.03 6.33 -14.24
N VAL A 141 -8.72 6.23 -14.08
CA VAL A 141 -8.09 6.80 -12.85
C VAL A 141 -8.26 8.33 -12.77
N CYS A 142 -8.57 8.80 -11.56
CA CYS A 142 -8.71 10.21 -11.28
C CYS A 142 -7.48 10.82 -10.63
N CYS A 143 -6.56 9.96 -10.19
CA CYS A 143 -5.27 10.40 -9.65
C CYS A 143 -4.17 9.57 -10.33
N ASP A 144 -2.93 9.96 -10.11
CA ASP A 144 -1.81 9.19 -10.68
C ASP A 144 -1.77 7.78 -10.11
N TYR A 145 -1.13 6.87 -10.81
CA TYR A 145 -1.03 5.50 -10.30
C TYR A 145 0.14 4.82 -10.96
N SER A 146 0.51 3.68 -10.39
CA SER A 146 1.41 2.78 -11.07
C SER A 146 1.04 1.37 -10.67
N LEU A 147 1.87 0.43 -11.07
CA LEU A 147 1.46 -0.97 -11.03
C LEU A 147 2.58 -1.80 -10.50
N HIS A 148 2.18 -2.81 -9.71
CA HIS A 148 3.14 -3.87 -9.38
C HIS A 148 2.67 -5.06 -10.25
N VAL A 149 3.56 -5.98 -10.59
CA VAL A 149 3.06 -7.17 -11.38
C VAL A 149 3.28 -8.47 -10.59
N ALA A 150 2.19 -9.22 -10.34
CA ALA A 150 2.31 -10.52 -9.69
C ALA A 150 2.96 -11.54 -10.57
N VAL A 151 3.90 -12.33 -10.00
CA VAL A 151 4.54 -13.39 -10.71
C VAL A 151 3.99 -14.65 -10.03
N THR A 152 3.02 -15.25 -10.69
CA THR A 152 2.19 -16.29 -10.14
C THR A 152 2.51 -17.64 -10.71
N TRP A 153 3.56 -17.70 -11.53
CA TRP A 153 4.10 -18.92 -12.05
C TRP A 153 5.44 -18.58 -12.60
N TRP A 154 6.21 -19.59 -12.98
CA TRP A 154 7.60 -19.39 -13.35
C TRP A 154 7.95 -20.17 -14.58
N SER A 155 8.69 -19.54 -15.50
CA SER A 155 9.18 -20.19 -16.69
C SER A 155 10.07 -19.17 -17.43
N ASP A 156 10.73 -19.62 -18.51
CA ASP A 156 11.58 -18.76 -19.32
C ASP A 156 10.81 -17.53 -19.80
N GLU A 157 9.55 -17.74 -20.16
CA GLU A 157 8.71 -16.66 -20.68
C GLU A 157 8.48 -15.62 -19.53
N VAL A 158 8.11 -16.12 -18.36
CA VAL A 158 7.88 -15.17 -17.25
C VAL A 158 9.20 -14.39 -17.03
N LYS A 159 10.33 -15.12 -17.03
CA LYS A 159 11.62 -14.52 -16.84
C LYS A 159 11.86 -13.37 -17.81
N ASP A 160 11.61 -13.62 -19.08
CA ASP A 160 11.74 -12.58 -20.10
C ASP A 160 10.79 -11.42 -19.90
N GLU A 161 9.53 -11.72 -19.62
CA GLU A 161 8.55 -10.71 -19.46
C GLU A 161 8.83 -9.80 -18.25
N MET A 162 9.33 -10.39 -17.18
CA MET A 162 9.76 -9.54 -16.05
C MET A 162 10.84 -8.54 -16.47
N ARG A 163 11.84 -8.95 -17.27
CA ARG A 163 12.83 -8.00 -17.75
C ARG A 163 12.22 -6.91 -18.59
N THR A 164 11.32 -7.25 -19.51
CA THR A 164 10.66 -6.26 -20.30
C THR A 164 9.86 -5.28 -19.40
N LEU A 165 9.12 -5.82 -18.42
CA LEU A 165 8.32 -4.96 -17.61
C LEU A 165 9.23 -3.99 -16.83
N ALA A 166 10.33 -4.52 -16.30
CA ALA A 166 11.22 -3.65 -15.50
C ALA A 166 11.91 -2.60 -16.40
N GLN A 167 12.28 -2.97 -17.61
CA GLN A 167 13.12 -2.08 -18.44
C GLN A 167 12.29 -1.18 -19.33
N GLU A 168 11.10 -1.64 -19.76
CA GLU A 168 10.30 -0.85 -20.70
C GLU A 168 8.92 -0.42 -20.24
N ARG A 169 8.38 -1.08 -19.21
CA ARG A 169 6.96 -0.85 -18.87
C ARG A 169 6.75 -0.14 -17.56
N GLY A 170 7.84 0.28 -16.95
CA GLY A 170 7.71 1.25 -15.85
C GLY A 170 7.51 0.56 -14.49
N VAL A 171 7.72 -0.76 -14.45
CA VAL A 171 7.37 -1.55 -13.22
C VAL A 171 8.67 -2.09 -12.56
N ASN A 172 8.95 -1.72 -11.30
CA ASN A 172 10.13 -2.29 -10.69
C ASN A 172 9.75 -3.14 -9.46
N SER A 173 8.50 -3.58 -9.39
CA SER A 173 8.03 -4.33 -8.22
C SER A 173 7.23 -5.53 -8.72
N PHE A 174 7.65 -6.70 -8.31
CA PHE A 174 6.97 -7.95 -8.64
C PHE A 174 6.50 -8.64 -7.39
N MET A 176 4.95 -11.82 -5.22
CA MET A 176 4.89 -13.28 -5.20
C MET A 176 4.07 -13.74 -4.01
N PHE A 177 3.40 -14.88 -4.17
CA PHE A 177 2.57 -15.36 -3.08
C PHE A 177 3.06 -16.66 -2.48
N MET A 178 3.15 -16.71 -1.15
CA MET A 178 3.46 -17.98 -0.51
C MET A 178 2.16 -18.71 -0.05
N ALA A 179 1.00 -18.06 -0.21
CA ALA A 179 -0.30 -18.66 0.12
C ALA A 179 -1.07 -18.89 -1.23
N TYR A 180 -2.37 -19.19 -1.14
CA TYR A 180 -3.23 -19.42 -2.39
C TYR A 180 -2.68 -20.62 -3.15
N LYS A 181 -2.57 -21.73 -2.48
CA LYS A 181 -2.14 -22.99 -3.06
C LYS A 181 -3.02 -23.30 -4.25
N GLY A 182 -2.45 -23.76 -5.36
CA GLY A 182 -3.24 -24.02 -6.56
C GLY A 182 -3.58 -22.81 -7.41
N LEU A 183 -3.52 -21.61 -6.83
CA LEU A 183 -3.96 -20.41 -7.50
C LEU A 183 -2.75 -19.46 -7.81
N PHE A 184 -2.00 -19.05 -6.78
CA PHE A 184 -0.92 -18.04 -6.99
C PHE A 184 0.38 -18.53 -6.36
N MET A 185 0.27 -19.50 -5.46
CA MET A 185 1.40 -19.97 -4.70
C MET A 185 2.66 -20.45 -5.44
N LEU A 186 3.79 -20.04 -4.93
CA LEU A 186 5.06 -20.50 -5.44
C LEU A 186 5.81 -21.19 -4.30
N ARG A 187 6.52 -22.27 -4.62
CA ARG A 187 7.30 -23.03 -3.63
C ARG A 187 8.63 -22.38 -3.42
N ASP A 188 9.37 -22.83 -2.39
CA ASP A 188 10.66 -22.18 -2.06
C ASP A 188 11.66 -22.19 -3.18
N ASP A 189 11.78 -23.31 -3.91
CA ASP A 189 12.70 -23.31 -5.04
C ASP A 189 12.29 -22.30 -6.13
N GLU A 190 10.99 -22.09 -6.31
CA GLU A 190 10.54 -21.13 -7.31
C GLU A 190 10.74 -19.69 -6.79
N LEU A 191 10.50 -19.47 -5.50
CA LEU A 191 10.75 -18.14 -4.93
C LEU A 191 12.20 -17.79 -5.08
N TYR A 192 13.07 -18.78 -4.84
CA TYR A 192 14.51 -18.56 -4.94
C TYR A 192 14.84 -18.09 -6.38
N ALA A 193 14.32 -18.80 -7.38
CA ALA A 193 14.60 -18.38 -8.78
C ALA A 193 13.98 -16.98 -9.08
N VAL A 194 12.75 -16.75 -8.63
CA VAL A 194 12.05 -15.54 -8.93
C VAL A 194 12.75 -14.36 -8.26
N PHE A 195 13.09 -14.55 -6.98
CA PHE A 195 13.82 -13.51 -6.25
C PHE A 195 15.19 -13.27 -6.89
N SER A 196 15.90 -14.33 -7.29
CA SER A 196 17.19 -14.10 -7.95
C SER A 196 16.99 -13.28 -9.23
N HIS A 197 15.89 -13.51 -9.96
CA HIS A 197 15.68 -12.73 -11.18
C HIS A 197 15.21 -11.29 -10.90
N CYS A 198 14.47 -11.07 -9.82
CA CYS A 198 14.11 -9.69 -9.41
C CYS A 198 15.40 -8.93 -9.22
N LYS A 199 16.36 -9.55 -8.51
CA LYS A 199 17.59 -8.82 -8.20
C LYS A 199 18.30 -8.53 -9.55
N GLU A 200 18.30 -9.53 -10.46
CA GLU A 200 19.00 -9.29 -11.73
C GLU A 200 18.40 -8.11 -12.47
N VAL A 201 17.05 -7.95 -12.45
CA VAL A 201 16.42 -6.88 -13.22
C VAL A 201 16.24 -5.57 -12.45
N GLY A 202 16.72 -5.52 -11.22
CA GLY A 202 16.69 -4.27 -10.41
C GLY A 202 15.28 -4.03 -9.86
N ALA A 203 14.54 -5.12 -9.62
CA ALA A 203 13.16 -4.97 -9.11
C ALA A 203 13.17 -5.25 -7.60
N ILE A 204 12.15 -4.78 -6.89
CA ILE A 204 11.99 -5.27 -5.52
C ILE A 204 11.01 -6.42 -5.51
N ALA A 205 11.29 -7.42 -4.69
CA ALA A 205 10.41 -8.61 -4.56
C ALA A 205 9.39 -8.36 -3.49
N GLN A 206 8.11 -8.30 -3.86
CA GLN A 206 7.09 -8.15 -2.84
C GLN A 206 6.54 -9.55 -2.51
N VAL A 207 6.13 -9.79 -1.27
CA VAL A 207 5.67 -11.16 -0.97
C VAL A 207 4.41 -11.09 -0.13
N HIS A 208 3.39 -11.88 -0.52
CA HIS A 208 2.30 -12.18 0.41
C HIS A 208 2.77 -13.34 1.27
N ALA A 209 3.09 -13.07 2.53
CA ALA A 209 3.76 -14.10 3.36
C ALA A 209 2.79 -14.79 4.33
N GLU A 210 2.17 -15.88 3.88
CA GLU A 210 1.50 -16.84 4.79
C GLU A 210 1.80 -18.20 4.21
N ASN A 211 1.85 -19.20 5.06
CA ASN A 211 2.19 -20.55 4.60
C ASN A 211 0.90 -21.13 3.97
N GLY A 212 0.90 -21.24 2.65
CA GLY A 212 -0.30 -21.68 1.94
C GLY A 212 -0.70 -23.13 2.30
N ASP A 213 0.26 -23.99 2.65
CA ASP A 213 -0.10 -25.40 3.03
C ASP A 213 -0.82 -25.43 4.34
N LEU A 214 -0.41 -24.54 5.29
CA LEU A 214 -1.12 -24.49 6.56
C LEU A 214 -2.49 -23.86 6.43
N ILE A 215 -2.61 -22.85 5.58
CA ILE A 215 -3.91 -22.26 5.33
C ILE A 215 -4.84 -23.37 4.79
N ALA A 216 -4.37 -24.08 3.78
CA ALA A 216 -5.21 -25.04 3.14
C ALA A 216 -5.70 -26.10 4.13
N GLU A 217 -4.77 -26.66 4.89
CA GLU A 217 -5.14 -27.66 5.94
C GLU A 217 -5.99 -27.11 7.02
N GLY A 218 -5.66 -25.90 7.46
CA GLY A 218 -6.34 -25.30 8.55
C GLY A 218 -7.81 -25.04 8.23
N ALA A 219 -8.06 -24.52 7.03
CA ALA A 219 -9.44 -24.21 6.57
C ALA A 219 -10.25 -25.51 6.50
N LYS A 220 -9.66 -26.53 5.91
CA LYS A 220 -10.32 -27.85 5.86
C LYS A 220 -10.72 -28.27 7.27
N LYS A 221 -9.81 -28.11 8.22
CA LYS A 221 -10.07 -28.54 9.59
C LYS A 221 -11.15 -27.73 10.28
N MET A 222 -11.12 -26.41 10.12
CA MET A 222 -12.14 -25.59 10.73
C MET A 222 -13.53 -25.97 10.17
N LEU A 223 -13.63 -26.08 8.84
CA LEU A 223 -14.93 -26.46 8.22
C LEU A 223 -15.43 -27.79 8.78
N SER A 224 -14.53 -28.77 8.86
CA SER A 224 -14.92 -30.10 9.40
C SER A 224 -15.42 -30.01 10.85
N LEU A 225 -14.98 -28.98 11.57
CA LEU A 225 -15.38 -28.79 12.95
C LEU A 225 -16.63 -27.96 13.06
N GLY A 226 -17.20 -27.57 11.92
CA GLY A 226 -18.46 -26.81 11.93
C GLY A 226 -18.24 -25.35 12.22
N ILE A 227 -16.98 -24.90 12.15
CA ILE A 227 -16.68 -23.47 12.36
C ILE A 227 -16.63 -22.84 10.96
N THR A 228 -17.80 -22.44 10.47
CA THR A 228 -17.96 -21.97 9.09
C THR A 228 -17.94 -20.45 9.02
N GLY A 229 -18.13 -19.81 10.18
CA GLY A 229 -18.14 -18.37 10.34
C GLY A 229 -16.76 -17.72 10.17
N PRO A 230 -16.74 -16.39 10.21
CA PRO A 230 -15.48 -15.64 9.96
C PRO A 230 -14.42 -15.90 11.03
N GLU A 231 -14.83 -16.34 12.21
CA GLU A 231 -13.85 -16.73 13.25
C GLU A 231 -13.05 -17.89 12.72
N GLY A 232 -13.66 -18.73 11.89
CA GLY A 232 -12.94 -19.86 11.33
C GLY A 232 -11.83 -19.38 10.39
N HIS A 233 -12.08 -18.26 9.71
CA HIS A 233 -11.09 -17.67 8.80
C HIS A 233 -9.82 -17.28 9.53
N GLU A 234 -9.96 -16.61 10.68
CA GLU A 234 -8.73 -16.24 11.44
C GLU A 234 -8.11 -17.47 12.10
N LEU A 235 -8.96 -18.31 12.76
CA LEU A 235 -8.44 -19.53 13.42
C LEU A 235 -7.69 -20.54 12.52
N CYS A 236 -8.04 -20.56 11.25
CA CYS A 236 -7.35 -21.50 10.35
C CYS A 236 -5.98 -20.98 9.94
N ARG A 237 -5.70 -19.70 10.20
CA ARG A 237 -4.37 -19.16 9.78
C ARG A 237 -3.91 -18.11 10.76
N PRO A 238 -3.63 -18.53 12.01
CA PRO A 238 -3.37 -17.55 13.08
C PRO A 238 -2.01 -16.90 12.78
N GLU A 239 -1.58 -15.93 13.59
CA GLU A 239 -0.37 -15.19 13.19
C GLU A 239 0.92 -15.97 13.01
N ALA A 240 1.07 -17.15 13.65
CA ALA A 240 2.24 -17.97 13.43
C ALA A 240 2.38 -18.32 11.99
N VAL A 241 1.26 -18.46 11.29
CA VAL A 241 1.27 -18.90 9.89
C VAL A 241 1.85 -17.75 9.03
N GLU A 242 1.54 -16.52 9.39
CA GLU A 242 2.08 -15.35 8.67
C GLU A 242 3.56 -15.19 9.08
N ALA A 243 3.86 -15.28 10.41
CA ALA A 243 5.24 -15.10 10.90
C ALA A 243 6.20 -16.05 10.27
N GLU A 244 5.77 -17.32 10.08
CA GLU A 244 6.64 -18.32 9.57
C GLU A 244 7.00 -17.96 8.09
N ALA A 245 6.01 -17.71 7.29
CA ALA A 245 6.24 -17.43 5.85
C ALA A 245 7.05 -16.14 5.73
N THR A 246 6.80 -15.18 6.62
CA THR A 246 7.57 -13.91 6.55
C THR A 246 9.07 -14.20 6.74
N GLN A 247 9.40 -15.02 7.72
CA GLN A 247 10.80 -15.32 8.04
C GLN A 247 11.36 -16.10 6.88
N ARG A 248 10.54 -17.02 6.39
CA ARG A 248 11.06 -17.84 5.28
C ARG A 248 11.39 -16.98 4.06
N ALA A 249 10.51 -16.04 3.71
CA ALA A 249 10.78 -15.17 2.53
C ALA A 249 12.03 -14.33 2.73
N ILE A 250 12.15 -13.74 3.94
CA ILE A 250 13.38 -13.00 4.30
C ILE A 250 14.62 -13.85 4.08
N THR A 251 14.56 -15.12 4.54
CA THR A 251 15.72 -16.01 4.45
C THR A 251 16.07 -16.39 3.01
N ILE A 252 15.07 -16.65 2.21
CA ILE A 252 15.32 -16.92 0.80
C ILE A 252 15.88 -15.64 0.12
N ALA A 253 15.34 -14.47 0.45
CA ALA A 253 15.74 -13.25 -0.27
C ALA A 253 17.16 -12.92 0.20
N SER A 254 17.45 -13.21 1.47
CA SER A 254 18.79 -12.89 1.96
C SER A 254 19.79 -13.81 1.26
N ALA A 255 19.38 -15.03 0.98
CA ALA A 255 20.26 -15.99 0.37
C ALA A 255 20.70 -15.52 -1.04
N VAL A 256 19.82 -14.84 -1.77
CA VAL A 256 20.18 -14.38 -3.12
C VAL A 256 20.49 -12.87 -3.17
N ASN A 257 20.59 -12.24 -2.00
CA ASN A 257 20.79 -10.78 -1.91
C ASN A 257 19.77 -10.01 -2.71
N CYS A 258 18.48 -10.41 -2.61
CA CYS A 258 17.39 -9.71 -3.32
C CYS A 258 16.63 -8.85 -2.28
N PRO A 259 16.40 -7.57 -2.56
CA PRO A 259 15.62 -6.74 -1.63
C PRO A 259 14.18 -7.26 -1.56
N LEU A 260 13.59 -7.22 -0.36
CA LEU A 260 12.30 -7.84 -0.18
C LEU A 260 11.34 -6.87 0.44
N TYR A 261 10.06 -6.98 0.08
CA TYR A 261 9.05 -6.10 0.59
C TYR A 261 7.90 -6.95 1.04
N VAL A 262 7.58 -6.92 2.33
CA VAL A 262 6.53 -7.78 2.85
C VAL A 262 5.25 -6.95 2.88
N VAL A 263 4.28 -7.33 2.03
CA VAL A 263 3.05 -6.53 1.95
C VAL A 263 2.13 -6.91 3.11
N HIS A 264 1.18 -6.02 3.40
CA HIS A 264 0.14 -6.20 4.48
C HIS A 264 0.62 -7.02 5.64
N VAL A 265 1.54 -6.44 6.41
CA VAL A 265 1.88 -7.01 7.71
C VAL A 265 0.71 -6.84 8.62
N MET A 266 0.16 -7.97 9.11
CA MET A 266 -1.09 -7.94 9.88
C MET A 266 -0.90 -8.22 11.37
N SER A 267 0.27 -8.71 11.79
CA SER A 267 0.36 -9.26 13.14
C SER A 267 1.64 -8.81 13.78
N LYS A 268 1.60 -8.75 15.12
CA LYS A 268 2.76 -8.47 15.93
C LYS A 268 3.91 -9.42 15.62
N SER A 269 3.65 -10.74 15.57
CA SER A 269 4.78 -11.66 15.33
C SER A 269 5.40 -11.48 13.91
N ALA A 270 4.60 -11.26 12.84
CA ALA A 270 5.22 -11.09 11.54
C ALA A 270 5.96 -9.78 11.53
N ALA A 271 5.41 -8.72 12.17
CA ALA A 271 6.11 -7.45 12.21
C ALA A 271 7.43 -7.61 12.96
N ASP A 272 7.44 -8.42 14.05
CA ASP A 272 8.70 -8.60 14.82
C ASP A 272 9.73 -9.34 13.95
N VAL A 273 9.27 -10.25 13.07
CA VAL A 273 10.17 -10.91 12.13
C VAL A 273 10.88 -9.89 11.24
N VAL A 274 10.09 -8.96 10.70
CA VAL A 274 10.66 -7.92 9.80
C VAL A 274 11.58 -7.03 10.65
N SER A 275 11.14 -6.69 11.86
CA SER A 275 11.92 -5.80 12.73
C SER A 275 13.32 -6.41 12.96
N LYS A 276 13.35 -7.69 13.29
CA LYS A 276 14.57 -8.41 13.61
C LYS A 276 15.48 -8.49 12.39
N ALA A 277 14.90 -8.85 11.24
CA ALA A 277 15.70 -8.94 10.02
C ALA A 277 16.33 -7.59 9.66
N ARG A 278 15.61 -6.49 9.85
CA ARG A 278 16.21 -5.19 9.49
C ARG A 278 17.35 -4.85 10.47
N LYS A 279 17.15 -5.14 11.77
CA LYS A 279 18.18 -4.86 12.75
C LYS A 279 19.43 -5.67 12.39
N ASP A 280 19.19 -6.88 11.86
CA ASP A 280 20.26 -7.75 11.43
C ASP A 280 20.78 -7.32 10.03
N GLY A 281 20.24 -6.24 9.48
CA GLY A 281 20.85 -5.63 8.28
C GLY A 281 20.30 -6.25 6.98
N ARG A 282 19.23 -7.06 7.07
CA ARG A 282 18.60 -7.60 5.86
C ARG A 282 17.88 -6.47 5.13
N VAL A 283 17.95 -6.46 3.79
CA VAL A 283 17.27 -5.42 3.02
C VAL A 283 15.80 -5.91 2.88
N VAL A 284 14.97 -5.52 3.85
CA VAL A 284 13.55 -5.89 3.79
C VAL A 284 12.77 -4.70 4.31
N PHE A 285 11.59 -4.54 3.74
CA PHE A 285 10.66 -3.48 4.11
C PHE A 285 9.33 -4.11 4.46
N GLY A 286 8.72 -3.62 5.54
CA GLY A 286 7.41 -4.13 5.96
C GLY A 286 6.34 -3.05 5.81
N GLU A 287 5.18 -3.47 5.30
CA GLU A 287 4.09 -2.57 4.96
C GLU A 287 2.85 -3.00 5.77
N PRO A 288 2.61 -2.36 6.94
CA PRO A 288 1.30 -2.58 7.55
C PRO A 288 0.25 -1.82 6.69
N ILE A 289 -1.04 -2.14 6.86
CA ILE A 289 -2.06 -1.43 6.06
C ILE A 289 -2.99 -0.74 6.99
N ALA A 290 -3.84 0.13 6.45
CA ALA A 290 -4.74 0.92 7.31
C ALA A 290 -5.57 -0.02 8.18
N ALA A 291 -6.03 -1.14 7.59
CA ALA A 291 -6.83 -2.08 8.41
C ALA A 291 -6.05 -2.56 9.66
N SER A 292 -4.79 -2.96 9.48
CA SER A 292 -4.08 -3.55 10.61
C SER A 292 -3.57 -2.47 11.57
N LEU A 293 -3.64 -1.23 11.16
CA LEU A 293 -3.26 -0.10 12.03
C LEU A 293 -4.44 0.56 12.69
N GLY A 294 -5.62 0.27 12.20
CA GLY A 294 -6.82 0.99 12.69
C GLY A 294 -7.89 0.12 13.33
N THR A 295 -7.82 -1.20 13.16
CA THR A 295 -8.81 -2.06 13.78
C THR A 295 -8.13 -3.40 14.09
N ASP A 296 -8.93 -4.38 14.46
CA ASP A 296 -8.37 -5.66 14.86
C ASP A 296 -9.31 -6.80 14.53
N GLY A 297 -8.90 -8.03 14.82
CA GLY A 297 -9.63 -9.19 14.37
C GLY A 297 -10.66 -9.70 15.40
N THR A 298 -10.82 -9.01 16.52
CA THR A 298 -11.90 -9.38 17.45
C THR A 298 -13.25 -9.34 16.67
N ASN A 299 -13.33 -8.48 15.66
CA ASN A 299 -14.54 -8.38 14.84
C ASN A 299 -15.00 -9.67 14.16
N TYR A 300 -14.08 -10.62 13.98
CA TYR A 300 -14.50 -11.90 13.34
C TYR A 300 -15.37 -12.71 14.26
N TRP A 301 -15.33 -12.36 15.53
CA TRP A 301 -16.10 -13.12 16.55
C TRP A 301 -17.41 -12.41 16.86
N HIS A 302 -17.76 -11.37 16.10
CA HIS A 302 -19.00 -10.59 16.39
C HIS A 302 -20.22 -11.48 16.11
N LYS A 303 -21.25 -11.34 16.94
CA LYS A 303 -22.45 -12.15 16.84
C LYS A 303 -23.14 -11.95 15.48
N ASP A 304 -23.01 -10.75 14.94
CA ASP A 304 -23.60 -10.42 13.62
C ASP A 304 -22.71 -10.91 12.48
N TRP A 305 -23.16 -11.92 11.74
CA TRP A 305 -22.33 -12.53 10.71
C TRP A 305 -21.89 -11.53 9.70
N ALA A 306 -22.81 -10.63 9.29
CA ALA A 306 -22.44 -9.66 8.23
C ALA A 306 -21.29 -8.77 8.68
N HIS A 307 -21.40 -8.26 9.91
CA HIS A 307 -20.38 -7.42 10.48
C HIS A 307 -19.03 -8.12 10.47
N ALA A 308 -19.00 -9.37 10.97
CA ALA A 308 -17.78 -10.15 11.06
C ALA A 308 -17.19 -10.37 9.66
N ALA A 309 -18.04 -10.68 8.68
CA ALA A 309 -17.53 -10.92 7.34
C ALA A 309 -16.84 -9.70 6.69
N GLN A 310 -17.26 -8.51 7.09
CA GLN A 310 -16.76 -7.30 6.53
C GLN A 310 -15.23 -7.26 6.64
N TYR A 311 -14.70 -7.85 7.72
CA TYR A 311 -13.26 -7.71 8.05
C TYR A 311 -12.43 -8.82 7.42
N VAL A 312 -13.08 -9.78 6.75
CA VAL A 312 -12.37 -10.93 6.28
C VAL A 312 -11.46 -10.54 5.07
N MET A 313 -10.17 -10.84 5.21
CA MET A 313 -9.11 -10.57 4.23
C MET A 313 -7.96 -11.49 4.63
N GLY A 314 -7.05 -11.73 3.66
CA GLY A 314 -5.88 -12.57 3.92
C GLY A 314 -4.65 -11.70 3.79
N PRO A 315 -3.75 -11.73 4.79
CA PRO A 315 -3.93 -12.49 6.03
C PRO A 315 -4.98 -11.80 6.85
N PRO A 316 -5.53 -12.48 7.85
CA PRO A 316 -6.58 -11.87 8.66
C PRO A 316 -6.05 -10.84 9.68
N LEU A 317 -6.93 -9.94 10.09
CA LEU A 317 -6.73 -9.08 11.22
C LEU A 317 -6.68 -9.97 12.46
N ARG A 318 -6.00 -9.51 13.50
CA ARG A 318 -5.67 -10.41 14.62
C ARG A 318 -6.47 -10.12 15.88
N PRO A 319 -6.86 -11.18 16.61
CA PRO A 319 -7.79 -10.98 17.74
C PRO A 319 -7.09 -10.40 18.97
N ASP A 320 -5.77 -10.22 18.93
CA ASP A 320 -5.05 -9.60 20.06
C ASP A 320 -5.22 -8.09 19.90
N PRO A 321 -5.99 -7.46 20.80
CA PRO A 321 -6.33 -6.05 20.59
C PRO A 321 -5.14 -5.13 20.73
N SER A 322 -3.98 -5.65 21.12
CA SER A 322 -2.78 -4.79 21.26
C SER A 322 -2.13 -4.67 19.87
N THR A 323 -2.65 -5.39 18.87
CA THR A 323 -1.98 -5.47 17.58
C THR A 323 -1.85 -4.12 16.84
N PRO A 324 -2.96 -3.41 16.61
CA PRO A 324 -2.82 -2.20 15.81
C PRO A 324 -1.93 -1.17 16.46
N GLY A 325 -1.96 -1.04 17.78
CA GLY A 325 -1.10 -0.04 18.44
C GLY A 325 0.38 -0.48 18.35
N TYR A 326 0.63 -1.78 18.41
CA TYR A 326 2.00 -2.25 18.33
C TYR A 326 2.50 -2.03 16.90
N LEU A 327 1.65 -2.36 15.91
CA LEU A 327 2.11 -2.10 14.55
C LEU A 327 2.35 -0.61 14.36
N MET A 328 1.53 0.25 14.98
CA MET A 328 1.76 1.67 14.81
C MET A 328 3.10 2.08 15.49
N ASP A 329 3.38 1.51 16.66
CA ASP A 329 4.69 1.81 17.31
C ASP A 329 5.86 1.36 16.41
N LEU A 330 5.74 0.20 15.77
CA LEU A 330 6.86 -0.26 14.90
C LEU A 330 6.95 0.62 13.65
N LEU A 331 5.79 1.11 13.19
CA LEU A 331 5.80 2.01 12.02
C LEU A 331 6.44 3.33 12.38
N ALA A 332 6.17 3.79 13.60
CA ALA A 332 6.79 5.01 14.12
C ALA A 332 8.31 4.84 14.21
N ASN A 333 8.75 3.66 14.59
CA ASN A 333 10.16 3.38 14.86
C ASN A 333 10.91 2.94 13.60
N ASP A 334 10.19 2.76 12.46
CA ASP A 334 10.78 2.31 11.23
C ASP A 334 11.19 0.82 11.22
N ASP A 335 10.68 0.02 12.18
CA ASP A 335 10.71 -1.44 12.01
C ASP A 335 9.82 -1.74 10.79
N LEU A 336 8.73 -0.99 10.70
CA LEU A 336 7.87 -1.01 9.55
C LEU A 336 7.99 0.38 8.89
N THR A 337 7.91 0.45 7.55
CA THR A 337 8.46 1.61 6.89
C THR A 337 7.41 2.45 6.11
N LEU A 338 6.29 1.82 5.68
CA LEU A 338 5.34 2.59 4.88
C LEU A 338 4.01 1.84 4.84
N THR A 339 2.98 2.47 4.24
CA THR A 339 1.63 1.98 4.40
C THR A 339 0.89 1.94 3.07
N GLY A 340 0.02 0.95 2.98
CA GLY A 340 -0.98 0.93 1.92
C GLY A 340 -2.29 0.55 2.59
N THR A 341 -3.29 0.11 1.81
CA THR A 341 -4.57 -0.25 2.40
C THR A 341 -4.99 -1.66 2.01
N ASP A 342 -4.39 -2.21 0.97
CA ASP A 342 -4.88 -3.46 0.40
C ASP A 342 -6.36 -3.30 0.11
N ASN A 343 -6.73 -2.15 -0.42
CA ASN A 343 -8.15 -1.90 -0.73
C ASN A 343 -8.65 -2.91 -1.79
N CYS A 344 -9.63 -3.71 -1.41
CA CYS A 344 -10.14 -4.80 -2.29
C CYS A 344 -11.56 -5.06 -1.77
N THR A 345 -12.49 -4.24 -2.24
CA THR A 345 -13.76 -4.12 -1.57
C THR A 345 -14.83 -5.02 -2.13
N PHE A 346 -15.67 -5.55 -1.24
CA PHE A 346 -16.82 -6.36 -1.69
C PHE A 346 -18.01 -5.92 -0.88
N SER A 347 -19.13 -5.74 -1.56
CA SER A 347 -20.31 -5.23 -0.90
C SER A 347 -20.85 -6.30 0.06
N ARG A 348 -21.80 -5.88 0.89
CA ARG A 348 -22.46 -6.77 1.81
C ARG A 348 -23.02 -8.01 1.08
N CYS A 349 -23.70 -7.81 -0.04
CA CYS A 349 -24.28 -8.98 -0.74
C CYS A 349 -23.16 -9.85 -1.33
N GLN A 350 -22.03 -9.24 -1.69
CA GLN A 350 -20.91 -10.09 -2.19
C GLN A 350 -20.30 -10.91 -1.06
N LYS A 351 -20.05 -10.26 0.07
CA LYS A 351 -19.50 -11.00 1.18
C LYS A 351 -20.44 -12.18 1.54
N ALA A 352 -21.75 -11.95 1.38
CA ALA A 352 -22.78 -12.91 1.80
C ALA A 352 -22.65 -14.21 1.02
N LEU A 353 -21.83 -14.21 -0.04
CA LEU A 353 -21.58 -15.46 -0.78
C LEU A 353 -20.95 -16.55 0.10
N GLY A 354 -20.39 -16.17 1.26
CA GLY A 354 -19.75 -17.18 2.11
C GLY A 354 -20.50 -17.37 3.43
N LYS A 355 -21.80 -17.07 3.42
CA LYS A 355 -22.61 -17.14 4.68
C LYS A 355 -22.51 -18.51 5.33
N ASP A 356 -22.38 -19.54 4.50
CA ASP A 356 -22.33 -20.92 5.03
C ASP A 356 -20.92 -21.48 5.11
N ASP A 357 -19.91 -20.68 4.69
CA ASP A 357 -18.56 -21.24 4.51
C ASP A 357 -17.56 -20.08 4.29
N PHE A 358 -16.77 -19.84 5.31
CA PHE A 358 -15.86 -18.66 5.29
C PHE A 358 -14.90 -18.70 4.13
N THR A 359 -14.58 -19.90 3.61
CA THR A 359 -13.64 -19.97 2.50
C THR A 359 -14.19 -19.32 1.26
N ARG A 360 -15.50 -19.01 1.28
CA ARG A 360 -16.16 -18.43 0.11
C ARG A 360 -16.53 -16.96 0.33
N ILE A 361 -16.12 -16.39 1.46
CA ILE A 361 -16.31 -14.97 1.65
C ILE A 361 -15.18 -14.25 0.85
N PRO A 362 -15.54 -13.43 -0.14
CA PRO A 362 -14.51 -12.76 -0.90
C PRO A 362 -13.66 -11.93 0.07
N ASN A 363 -12.33 -12.12 -0.04
CA ASN A 363 -11.39 -11.54 0.93
C ASN A 363 -11.05 -10.13 0.56
N GLY A 364 -11.24 -9.18 1.46
CA GLY A 364 -10.76 -7.83 1.18
C GLY A 364 -11.54 -6.84 1.99
N VAL A 365 -10.84 -5.79 2.41
CA VAL A 365 -11.48 -4.74 3.19
C VAL A 365 -11.31 -3.40 2.49
N ASN A 366 -11.89 -2.33 3.07
CA ASN A 366 -11.68 -1.01 2.50
C ASN A 366 -10.45 -0.34 3.20
N GLY A 367 -10.10 0.85 2.74
CA GLY A 367 -9.13 1.69 3.45
C GLY A 367 -8.61 2.83 2.60
N VAL A 368 -8.72 2.72 1.26
CA VAL A 368 -8.03 3.70 0.40
C VAL A 368 -8.38 5.12 0.80
N GLU A 369 -9.67 5.37 1.10
CA GLU A 369 -10.08 6.71 1.45
C GLU A 369 -9.65 7.08 2.85
N ASP A 370 -9.74 6.12 3.79
CA ASP A 370 -9.52 6.54 5.20
C ASP A 370 -8.12 6.42 5.73
N ARG A 371 -7.24 5.81 4.95
CA ARG A 371 -5.85 5.56 5.41
C ARG A 371 -5.22 6.81 6.07
N MET A 372 -5.26 7.94 5.37
CA MET A 372 -4.55 9.15 5.91
C MET A 372 -5.08 9.56 7.27
N SER A 373 -6.42 9.64 7.42
CA SER A 373 -7.00 10.06 8.73
C SER A 373 -6.82 8.99 9.81
N VAL A 374 -6.94 7.73 9.42
CA VAL A 374 -6.73 6.64 10.37
C VAL A 374 -5.30 6.68 10.94
N ILE A 375 -4.29 6.84 10.06
CA ILE A 375 -2.94 6.85 10.53
C ILE A 375 -2.65 8.11 11.34
N TRP A 376 -3.22 9.23 10.91
CA TRP A 376 -2.96 10.48 11.65
C TRP A 376 -3.52 10.35 13.08
N GLU A 377 -4.76 9.87 13.17
CA GLU A 377 -5.43 9.71 14.47
C GLU A 377 -4.69 8.68 15.34
N LYS A 378 -4.41 7.51 14.79
CA LYS A 378 -3.82 6.42 15.57
C LYS A 378 -2.29 6.62 15.78
N GLY A 379 -1.66 7.38 14.88
CA GLY A 379 -0.18 7.52 14.92
C GLY A 379 0.30 8.87 15.39
N VAL A 380 -0.26 9.94 14.86
CA VAL A 380 0.26 11.32 15.23
C VAL A 380 -0.47 11.90 16.42
N HIS A 381 -1.80 11.90 16.35
CA HIS A 381 -2.56 12.48 17.50
C HIS A 381 -2.25 11.69 18.76
N SER A 382 -1.98 10.38 18.61
CA SER A 382 -1.71 9.50 19.78
C SER A 382 -0.32 9.75 20.39
N GLY A 383 0.50 10.50 19.72
CA GLY A 383 1.85 10.73 20.19
C GLY A 383 2.89 9.69 19.80
N LYS A 384 2.52 8.75 18.93
CA LYS A 384 3.42 7.65 18.59
C LYS A 384 4.45 8.10 17.56
N MET A 385 4.05 8.93 16.58
CA MET A 385 5.00 9.43 15.59
C MET A 385 4.70 10.90 15.38
N ASP A 386 5.68 11.65 14.89
CA ASP A 386 5.42 13.06 14.57
C ASP A 386 4.93 13.21 13.13
N GLU A 387 4.64 14.47 12.77
CA GLU A 387 3.97 14.77 11.45
C GLU A 387 4.92 14.45 10.32
N ASN A 388 6.21 14.61 10.57
CA ASN A 388 7.19 14.29 9.53
C ASN A 388 7.30 12.79 9.26
N ARG A 389 7.30 11.99 10.32
CA ARG A 389 7.29 10.51 10.11
C ARG A 389 6.01 10.12 9.40
N PHE A 390 4.92 10.83 9.70
CA PHE A 390 3.63 10.58 9.03
C PHE A 390 3.75 10.74 7.53
N VAL A 391 4.40 11.83 7.11
CA VAL A 391 4.63 12.00 5.64
C VAL A 391 5.51 10.89 5.12
N ALA A 392 6.58 10.51 5.85
CA ALA A 392 7.41 9.42 5.36
C ALA A 392 6.64 8.15 5.15
N VAL A 393 5.74 7.80 6.11
CA VAL A 393 5.11 6.45 6.01
C VAL A 393 3.85 6.50 5.20
N THR A 394 3.40 7.68 4.79
CA THR A 394 2.22 7.75 3.91
C THR A 394 2.54 8.17 2.48
N SER A 395 3.74 8.69 2.22
CA SER A 395 4.09 9.03 0.82
C SER A 395 5.57 8.85 0.49
N SER A 396 6.47 9.45 1.28
CA SER A 396 7.86 9.57 0.83
C SER A 396 8.50 8.20 0.66
N ASN A 397 8.30 7.31 1.64
CA ASN A 397 8.95 6.03 1.54
C ASN A 397 8.46 5.23 0.34
N ALA A 398 7.17 5.35 0.04
CA ALA A 398 6.66 4.63 -1.19
C ALA A 398 7.37 5.16 -2.41
N ALA A 399 7.53 6.48 -2.49
CA ALA A 399 8.21 7.10 -3.60
C ALA A 399 9.65 6.65 -3.65
N LYS A 400 10.32 6.56 -2.49
CA LYS A 400 11.70 6.11 -2.51
C LYS A 400 11.86 4.67 -2.96
N ILE A 401 10.98 3.80 -2.46
CA ILE A 401 11.12 2.35 -2.72
C ILE A 401 10.72 2.06 -4.16
N PHE A 402 9.60 2.63 -4.58
CA PHE A 402 9.13 2.33 -5.96
C PHE A 402 9.72 3.26 -7.00
N ASN A 403 10.62 4.19 -6.60
CA ASN A 403 11.55 4.92 -7.47
C ASN A 403 10.98 6.17 -8.18
N PHE A 404 10.36 7.08 -7.45
CA PHE A 404 9.95 8.37 -7.99
C PHE A 404 9.94 9.40 -6.87
N TYR A 405 11.01 9.43 -6.11
CA TYR A 405 11.21 10.45 -5.13
C TYR A 405 12.42 11.26 -5.59
N PRO A 406 12.38 12.59 -5.47
CA PRO A 406 11.32 13.39 -4.90
C PRO A 406 10.26 13.89 -5.88
N GLN A 407 10.05 13.21 -7.02
CA GLN A 407 9.02 13.61 -7.96
C GLN A 407 7.69 13.62 -7.23
N LYS A 408 7.43 12.58 -6.42
CA LYS A 408 6.34 12.58 -5.44
C LYS A 408 6.87 12.41 -4.02
N GLY A 409 6.03 12.70 -3.02
CA GLY A 409 6.39 12.46 -1.61
C GLY A 409 7.17 13.59 -1.00
N ARG A 410 7.25 14.72 -1.70
CA ARG A 410 8.00 15.88 -1.13
C ARG A 410 7.41 17.19 -1.68
N ILE A 411 7.28 18.17 -0.78
CA ILE A 411 6.85 19.49 -1.19
C ILE A 411 8.13 20.22 -1.48
N ALA A 412 8.46 20.34 -2.75
CA ALA A 412 9.74 20.96 -3.13
C ALA A 412 9.66 21.37 -4.58
N LYS A 413 10.44 22.37 -4.94
CA LYS A 413 10.45 22.84 -6.35
C LYS A 413 10.80 21.71 -7.27
N ASP A 414 10.05 21.61 -8.36
CA ASP A 414 10.20 20.62 -9.42
C ASP A 414 9.45 19.34 -9.13
N SER A 415 8.92 19.16 -7.90
CA SER A 415 8.18 17.95 -7.64
C SER A 415 6.78 18.05 -8.27
N ASP A 416 6.11 16.91 -8.42
CA ASP A 416 4.74 16.94 -8.92
C ASP A 416 3.85 17.64 -7.91
N ALA A 417 2.85 18.36 -8.39
CA ALA A 417 1.92 19.08 -7.47
C ALA A 417 0.79 18.12 -7.09
N ASP A 418 1.11 17.13 -6.26
CA ASP A 418 0.15 16.26 -5.60
C ASP A 418 0.24 16.67 -4.14
N VAL A 419 -0.72 17.46 -3.67
CA VAL A 419 -0.49 18.18 -2.40
C VAL A 419 -1.81 18.12 -1.67
N VAL A 420 -1.74 17.93 -0.34
CA VAL A 420 -2.94 17.89 0.44
C VAL A 420 -2.85 19.02 1.48
N ILE A 421 -3.95 19.76 1.66
CA ILE A 421 -4.01 20.72 2.77
C ILE A 421 -4.74 20.00 3.86
N TRP A 422 -4.06 19.88 5.01
CA TRP A 422 -4.45 18.95 6.04
C TRP A 422 -4.76 19.69 7.34
N ASP A 423 -5.92 19.41 7.91
CA ASP A 423 -6.27 20.04 9.19
C ASP A 423 -6.03 19.01 10.30
N PRO A 424 -4.96 19.20 11.11
CA PRO A 424 -4.61 18.14 12.05
C PRO A 424 -5.45 18.22 13.37
N LYS A 425 -6.18 19.32 13.57
CA LYS A 425 -6.88 19.54 14.84
C LYS A 425 -8.34 19.13 14.75
N THR A 426 -8.95 19.29 13.60
CA THR A 426 -10.33 18.93 13.39
C THR A 426 -10.50 17.44 13.28
N THR A 427 -11.65 16.93 13.74
CA THR A 427 -11.94 15.51 13.63
C THR A 427 -12.97 15.29 12.54
N ARG A 428 -13.01 14.10 11.98
CA ARG A 428 -14.14 13.71 11.15
C ARG A 428 -14.49 12.31 11.65
N LYS A 429 -15.76 11.94 11.60
CA LYS A 429 -16.18 10.60 11.92
C LYS A 429 -16.25 9.81 10.63
N ILE A 430 -15.59 8.68 10.62
CA ILE A 430 -15.63 7.81 9.44
C ILE A 430 -16.95 7.06 9.46
N SER A 431 -17.59 7.04 8.30
CA SER A 431 -18.83 6.28 8.17
C SER A 431 -19.08 5.90 6.71
N ALA A 432 -19.61 4.69 6.50
CA ALA A 432 -20.04 4.33 5.17
C ALA A 432 -21.19 5.24 4.69
N GLN A 433 -21.79 6.01 5.61
CA GLN A 433 -22.92 6.86 5.22
C GLN A 433 -22.37 8.11 4.55
N THR A 434 -21.11 8.45 4.82
CA THR A 434 -20.52 9.62 4.25
C THR A 434 -19.25 9.38 3.38
N HIS A 435 -18.79 8.14 3.33
CA HIS A 435 -17.55 7.88 2.56
C HIS A 435 -17.80 7.83 1.10
N HIS A 436 -16.73 7.82 0.29
CA HIS A 436 -16.86 7.96 -1.15
C HIS A 436 -16.56 6.67 -1.82
N GLN A 437 -16.29 5.62 -1.04
CA GLN A 437 -16.05 4.31 -1.61
C GLN A 437 -17.32 3.65 -2.04
N ALA A 438 -17.21 2.74 -2.99
CA ALA A 438 -18.39 2.04 -3.53
C ALA A 438 -18.93 1.03 -2.53
N VAL A 439 -18.08 0.54 -1.62
CA VAL A 439 -18.53 -0.45 -0.67
C VAL A 439 -19.56 0.13 0.30
N ASP A 440 -20.54 -0.69 0.70
CA ASP A 440 -21.66 -0.21 1.53
C ASP A 440 -21.45 -0.45 3.03
N TYR A 441 -20.18 -0.56 3.44
CA TYR A 441 -19.85 -0.55 4.87
C TYR A 441 -18.39 -0.09 4.95
N ASN A 442 -17.92 0.12 6.18
CA ASN A 442 -16.55 0.63 6.39
C ASN A 442 -16.03 -0.06 7.69
N ILE A 443 -14.87 -0.72 7.60
CA ILE A 443 -14.27 -1.34 8.80
C ILE A 443 -13.85 -0.34 9.88
N PHE A 444 -13.86 0.95 9.55
CA PHE A 444 -13.54 1.93 10.55
C PHE A 444 -14.82 2.70 11.00
N GLU A 445 -15.97 2.13 10.66
CA GLU A 445 -17.27 2.74 10.97
C GLU A 445 -17.28 3.40 12.36
N GLY A 446 -17.53 4.70 12.40
CA GLY A 446 -17.71 5.38 13.70
C GLY A 446 -16.44 5.96 14.25
N MET A 447 -15.28 5.64 13.63
CA MET A 447 -14.04 6.13 14.22
C MET A 447 -13.93 7.63 14.11
N GLU A 448 -13.69 8.30 15.23
CA GLU A 448 -13.48 9.73 15.21
C GLU A 448 -12.00 10.03 15.00
N CYS A 449 -11.62 10.49 13.81
CA CYS A 449 -10.21 10.75 13.55
C CYS A 449 -9.88 12.21 13.54
N HIS A 450 -8.82 12.60 14.28
CA HIS A 450 -8.22 13.89 14.07
C HIS A 450 -7.50 13.82 12.76
N GLY A 451 -7.50 14.91 11.98
CA GLY A 451 -6.69 14.94 10.74
C GLY A 451 -7.65 14.78 9.57
N VAL A 452 -7.91 15.89 8.89
CA VAL A 452 -8.90 15.91 7.81
C VAL A 452 -8.24 16.52 6.57
N PRO A 453 -8.34 15.85 5.42
CA PRO A 453 -7.92 16.44 4.18
C PRO A 453 -8.98 17.45 3.77
N VAL A 454 -8.64 18.71 3.83
CA VAL A 454 -9.59 19.76 3.50
C VAL A 454 -9.55 20.11 2.02
N VAL A 455 -8.35 20.05 1.40
CA VAL A 455 -8.20 20.29 -0.02
C VAL A 455 -7.19 19.29 -0.59
N THR A 456 -7.55 18.66 -1.70
CA THR A 456 -6.61 17.82 -2.37
C THR A 456 -6.27 18.36 -3.76
N VAL A 457 -4.96 18.47 -4.06
CA VAL A 457 -4.47 18.90 -5.38
C VAL A 457 -3.77 17.72 -6.02
N SER A 458 -4.18 17.36 -7.26
CA SER A 458 -3.56 16.23 -7.92
C SER A 458 -3.18 16.75 -9.32
N ARG A 459 -1.92 16.56 -9.71
CA ARG A 459 -1.43 17.02 -11.02
C ARG A 459 -1.67 18.51 -11.14
N GLY A 460 -1.56 19.24 -10.04
CA GLY A 460 -1.63 20.72 -10.12
C GLY A 460 -3.05 21.24 -10.24
N ARG A 461 -4.03 20.41 -9.98
CA ARG A 461 -5.46 20.85 -10.08
C ARG A 461 -6.15 20.54 -8.77
N VAL A 462 -6.99 21.46 -8.31
CA VAL A 462 -7.80 21.17 -7.13
C VAL A 462 -8.84 20.15 -7.45
N VAL A 463 -8.72 18.92 -6.91
CA VAL A 463 -9.65 17.87 -7.27
C VAL A 463 -10.62 17.54 -6.15
N TYR A 464 -10.39 18.13 -4.98
CA TYR A 464 -11.27 17.90 -3.81
C TYR A 464 -11.21 19.11 -2.90
N GLU A 465 -12.36 19.72 -2.62
CA GLU A 465 -12.44 20.79 -1.65
C GLU A 465 -13.90 20.98 -1.21
N GLU A 466 -14.07 21.61 -0.05
CA GLU A 466 -15.40 21.83 0.50
C GLU A 466 -16.23 20.56 0.45
N GLY A 467 -15.59 19.44 0.77
CA GLY A 467 -16.24 18.15 0.78
C GLY A 467 -16.68 17.64 -0.58
N ARG A 468 -16.26 18.28 -1.66
CA ARG A 468 -16.73 17.87 -2.98
C ARG A 468 -15.54 17.54 -3.92
N LEU A 469 -15.72 16.48 -4.68
CA LEU A 469 -14.77 16.07 -5.69
C LEU A 469 -14.99 16.84 -6.99
N LYS A 470 -13.92 17.16 -7.68
CA LYS A 470 -14.00 17.84 -8.96
C LYS A 470 -12.96 17.20 -9.86
N VAL A 471 -13.28 16.07 -10.45
CA VAL A 471 -12.24 15.36 -11.19
C VAL A 471 -12.88 14.46 -12.23
N SER A 472 -12.15 14.12 -13.27
CA SER A 472 -12.73 13.30 -14.33
C SER A 472 -11.98 11.98 -14.47
N PRO A 473 -12.72 10.88 -14.72
CA PRO A 473 -12.02 9.62 -14.96
C PRO A 473 -10.99 9.80 -16.08
N GLY A 474 -9.78 9.30 -15.88
CA GLY A 474 -8.74 9.36 -16.87
C GLY A 474 -7.89 10.59 -16.74
N GLN A 475 -8.19 11.44 -15.75
CA GLN A 475 -7.39 12.63 -15.51
C GLN A 475 -6.00 12.21 -14.93
N GLY A 476 -5.97 11.10 -14.21
CA GLY A 476 -4.70 10.62 -13.63
C GLY A 476 -3.80 9.98 -14.67
N ARG A 477 -2.52 9.84 -14.32
CA ARG A 477 -1.57 9.23 -15.26
C ARG A 477 -0.84 8.06 -14.66
N PHE A 478 -0.58 7.04 -15.47
CA PHE A 478 0.36 5.99 -15.12
C PHE A 478 1.78 6.54 -14.92
N ILE A 479 2.40 6.22 -13.77
CA ILE A 479 3.77 6.65 -13.53
C ILE A 479 4.76 5.55 -13.89
N HIS A 480 5.60 5.79 -14.90
CA HIS A 480 6.60 4.82 -15.35
C HIS A 480 7.81 4.90 -14.49
N ARG A 481 8.28 3.81 -13.86
CA ARG A 481 9.47 3.90 -13.01
C ARG A 481 10.65 3.20 -13.63
N GLN A 482 11.83 3.59 -13.24
CA GLN A 482 13.02 2.83 -13.64
C GLN A 482 13.38 1.83 -12.50
N PRO A 483 14.08 0.77 -12.87
CA PRO A 483 14.63 -0.22 -11.95
C PRO A 483 15.80 0.28 -11.16
N PHE A 484 16.28 -0.55 -10.22
CA PHE A 484 17.40 -0.17 -9.40
C PHE A 484 17.17 1.08 -8.61
N SER A 485 16.04 1.12 -7.93
CA SER A 485 15.78 2.22 -7.04
C SER A 485 16.97 2.35 -6.05
N GLU A 486 17.55 3.53 -5.92
CA GLU A 486 18.77 3.61 -5.12
C GLU A 486 18.52 3.36 -3.62
N PHE A 487 17.37 3.79 -3.16
CA PHE A 487 16.97 3.53 -1.77
C PHE A 487 16.94 2.07 -1.51
N VAL A 488 16.56 1.32 -2.53
CA VAL A 488 16.46 -0.14 -2.37
C VAL A 488 17.80 -0.85 -2.62
N TYR A 489 18.57 -0.38 -3.61
CA TYR A 489 19.69 -1.17 -4.15
C TYR A 489 21.11 -0.78 -3.76
N LYS A 490 21.29 0.43 -3.21
CA LYS A 490 22.70 0.87 -3.02
C LYS A 490 23.43 -0.06 -2.08
N ARG A 491 22.76 -0.53 -1.02
CA ARG A 491 23.41 -1.49 -0.16
C ARG A 491 23.56 -2.89 -0.83
N ILE A 492 22.53 -3.30 -1.55
CA ILE A 492 22.56 -4.60 -2.27
C ILE A 492 23.82 -4.60 -3.11
N ARG A 493 24.00 -3.57 -3.93
CA ARG A 493 25.11 -3.50 -4.87
C ARG A 493 26.45 -3.49 -4.19
N GLN A 494 26.55 -2.83 -3.05
CA GLN A 494 27.81 -2.78 -2.32
C GLN A 494 28.15 -4.18 -1.77
N ARG A 495 27.11 -4.89 -1.32
CA ARG A 495 27.30 -6.22 -0.78
C ARG A 495 27.72 -7.21 -1.91
N ASP A 496 27.24 -6.96 -3.11
CA ASP A 496 27.67 -7.76 -4.30
C ASP A 496 29.18 -7.55 -4.48
N GLU A 497 29.65 -6.34 -4.22
CA GLU A 497 31.06 -6.00 -4.43
C GLU A 497 31.97 -6.50 -3.31
N VAL A 498 31.54 -6.46 -2.04
CA VAL A 498 32.45 -6.84 -0.94
C VAL A 498 32.02 -8.12 -0.22
N GLY A 499 30.84 -8.63 -0.50
CA GLY A 499 30.25 -9.74 0.28
C GLY A 499 30.33 -11.07 -0.49
N LYS A 500 31.07 -11.14 -1.58
CA LYS A 500 31.19 -12.39 -2.36
C LYS A 500 31.91 -13.42 -1.47
N PRO A 501 31.39 -14.65 -1.38
CA PRO A 501 32.09 -15.67 -0.58
C PRO A 501 33.39 -15.98 -1.29
N ALA A 502 34.40 -16.35 -0.53
CA ALA A 502 35.72 -16.61 -1.07
C ALA A 502 36.14 -18.06 -0.71
N VAL A 503 36.75 -18.73 -1.68
CA VAL A 503 37.49 -19.95 -1.45
C VAL A 503 38.67 -19.78 -0.48
N VAL A 504 38.88 -20.77 0.37
CA VAL A 504 40.11 -20.86 1.13
C VAL A 504 41.23 -21.42 0.23
N ILE A 505 42.38 -20.74 0.25
CA ILE A 505 43.52 -21.18 -0.59
C ILE A 505 44.29 -22.28 0.11
N ARG A 506 44.27 -23.43 -0.51
CA ARG A 506 44.89 -24.60 0.08
C ARG A 506 45.97 -25.16 -0.83
N GLU A 507 47.01 -25.73 -0.24
CA GLU A 507 48.02 -26.43 -1.02
C GLU A 507 47.35 -27.50 -1.87
N PRO A 508 47.67 -27.54 -3.17
CA PRO A 508 46.86 -28.34 -4.12
C PRO A 508 46.88 -29.82 -3.79
#